data_5D1H
#
_entry.id   5D1H
#
_cell.length_a   66.007
_cell.length_b   84.112
_cell.length_c   94.368
_cell.angle_alpha   90.00
_cell.angle_beta   90.00
_cell.angle_gamma   90.00
#
_symmetry.space_group_name_H-M   'P 21 21 21'
#
loop_
_entity.id
_entity.type
_entity.pdbx_description
1 polymer 'Uncharacterized protein'
2 water water
#
_entity_poly.entity_id   1
_entity_poly.type   'polypeptide(L)'
_entity_poly.pdbx_seq_one_letter_code
;MHHHHHHASGLVPRGSHMTRTTALKVLAGKKLTDLDPDEWAKAQASAERILVDVGTGDARTAYRQAIAHPEWLVVGVDPA
WQRMTETAVRAARKPAKGGAPNLVLVSSAIETVPAALHGVADEVMVLMPWGKLLRGVVLGEADVLSGLRAVAKPGAPLEI
SIGTSIWREPIPLEIRDLPELTPETVVSTGLTDRLAALGWQVADVRLVPHTDLDTISSSAARRLGSGATETVLHLRAVAV
DPRDPVGTQHPAAESAQDTPEEPQRDV
;
_entity_poly.pdbx_strand_id   A,B
#
# COMPACT_ATOMS: atom_id res chain seq x y z
N THR A 22 27.85 25.17 2.86
CA THR A 22 26.98 25.86 1.91
C THR A 22 27.20 25.30 0.50
N ALA A 23 28.47 25.11 0.15
CA ALA A 23 28.82 24.41 -1.08
C ALA A 23 28.88 22.92 -0.79
N LEU A 24 28.42 22.10 -1.73
CA LEU A 24 28.38 20.65 -1.53
C LEU A 24 29.78 20.05 -1.55
N LYS A 25 30.03 19.13 -0.63
CA LYS A 25 31.27 18.35 -0.65
C LYS A 25 31.12 17.20 -1.64
N VAL A 26 31.67 17.40 -2.84
CA VAL A 26 31.46 16.46 -3.95
C VAL A 26 32.76 15.76 -4.33
N LEU A 27 32.63 14.51 -4.77
CA LEU A 27 33.77 13.74 -5.23
C LEU A 27 34.27 14.19 -6.61
N ALA A 28 35.58 14.34 -6.73
CA ALA A 28 36.24 14.52 -8.01
C ALA A 28 37.32 13.47 -8.16
N GLY A 29 36.91 12.26 -8.55
CA GLY A 29 37.82 11.13 -8.59
C GLY A 29 38.04 10.58 -7.20
N LYS A 30 39.29 10.63 -6.74
CA LYS A 30 39.66 10.12 -5.42
C LYS A 30 39.57 11.21 -4.36
N LYS A 31 39.66 12.47 -4.79
CA LYS A 31 39.65 13.60 -3.87
C LYS A 31 38.23 14.11 -3.62
N LEU A 32 38.03 14.73 -2.45
CA LEU A 32 36.79 15.44 -2.16
C LEU A 32 36.92 16.89 -2.60
N THR A 33 35.79 17.51 -2.92
CA THR A 33 35.80 18.85 -3.51
C THR A 33 34.59 19.67 -3.09
N ASP A 34 34.78 20.98 -2.93
CA ASP A 34 33.67 21.90 -2.77
C ASP A 34 33.08 22.26 -4.13
N LEU A 35 31.85 21.84 -4.38
CA LEU A 35 31.18 22.15 -5.63
C LEU A 35 30.73 23.61 -5.66
N ASP A 36 31.12 24.32 -6.71
CA ASP A 36 30.73 25.71 -6.89
C ASP A 36 29.21 25.84 -6.93
N PRO A 37 28.66 26.60 -5.97
CA PRO A 37 27.21 26.85 -5.84
C PRO A 37 26.54 27.28 -7.14
N ASP A 38 27.26 28.00 -7.99
CA ASP A 38 26.70 28.48 -9.26
C ASP A 38 26.70 27.38 -10.32
N GLU A 39 27.70 26.51 -10.27
CA GLU A 39 27.77 25.37 -11.18
C GLU A 39 26.69 24.35 -10.83
N TRP A 40 26.40 24.24 -9.54
CA TRP A 40 25.38 23.34 -9.04
C TRP A 40 24.00 23.74 -9.53
N ALA A 41 23.74 25.04 -9.53
CA ALA A 41 22.47 25.57 -10.01
C ALA A 41 22.33 25.39 -11.52
N LYS A 42 23.43 25.61 -12.24
CA LYS A 42 23.45 25.50 -13.69
C LYS A 42 23.18 24.08 -14.15
N ALA A 43 23.71 23.12 -13.40
CA ALA A 43 23.54 21.70 -13.73
C ALA A 43 22.08 21.28 -13.56
N GLN A 44 21.45 21.79 -12.49
CA GLN A 44 20.04 21.48 -12.22
C GLN A 44 19.13 22.02 -13.32
N ALA A 45 19.41 23.25 -13.75
CA ALA A 45 18.61 23.91 -14.77
C ALA A 45 18.71 23.19 -16.11
N SER A 46 19.91 22.70 -16.42
CA SER A 46 20.17 22.03 -17.69
C SER A 46 19.56 20.64 -17.74
N ALA A 47 19.28 20.08 -16.56
CA ALA A 47 18.76 18.72 -16.47
C ALA A 47 17.26 18.67 -16.74
N GLU A 48 16.84 17.65 -17.48
CA GLU A 48 15.42 17.43 -17.73
C GLU A 48 14.78 16.79 -16.51
N ARG A 49 15.58 16.01 -15.77
CA ARG A 49 15.13 15.39 -14.53
C ARG A 49 16.29 15.29 -13.55
N ILE A 50 16.00 15.49 -12.26
CA ILE A 50 17.02 15.37 -11.23
C ILE A 50 16.69 14.21 -10.29
N LEU A 51 17.53 13.19 -10.30
CA LEU A 51 17.32 11.99 -9.50
C LEU A 51 18.35 11.89 -8.37
N VAL A 52 17.87 11.67 -7.16
CA VAL A 52 18.75 11.55 -6.00
C VAL A 52 18.75 10.13 -5.43
N ASP A 53 19.90 9.47 -5.51
CA ASP A 53 20.06 8.15 -4.91
C ASP A 53 20.64 8.25 -3.51
N VAL A 54 19.81 8.04 -2.51
CA VAL A 54 20.28 8.05 -1.13
C VAL A 54 20.78 6.66 -0.75
N GLY A 55 22.01 6.60 -0.29
CA GLY A 55 22.66 5.32 -0.02
C GLY A 55 23.01 4.65 -1.33
N THR A 56 24.27 4.77 -1.74
CA THR A 56 24.70 4.32 -3.05
C THR A 56 25.66 3.14 -2.99
N GLY A 57 26.30 2.96 -1.85
CA GLY A 57 27.33 1.93 -1.73
C GLY A 57 28.56 2.32 -2.51
N ASP A 58 28.84 1.59 -3.59
CA ASP A 58 29.94 1.93 -4.47
C ASP A 58 29.46 2.86 -5.59
N ALA A 59 28.17 3.17 -5.56
CA ALA A 59 27.54 4.13 -6.46
C ALA A 59 27.59 3.75 -7.94
N ARG A 60 27.74 2.46 -8.23
CA ARG A 60 27.79 2.03 -9.62
C ARG A 60 26.38 1.84 -10.18
N THR A 61 25.39 1.75 -9.30
CA THR A 61 24.00 1.74 -9.73
C THR A 61 23.63 3.13 -10.24
N ALA A 62 24.05 4.15 -9.50
CA ALA A 62 23.84 5.53 -9.90
C ALA A 62 24.57 5.83 -11.20
N TYR A 63 25.73 5.22 -11.37
CA TYR A 63 26.54 5.39 -12.59
C TYR A 63 25.82 4.82 -13.80
N ARG A 64 25.27 3.62 -13.66
CA ARG A 64 24.52 2.98 -14.74
C ARG A 64 23.32 3.83 -15.13
N GLN A 65 22.66 4.40 -14.13
CA GLN A 65 21.53 5.30 -14.36
C GLN A 65 22.00 6.55 -15.09
N ALA A 66 23.17 7.06 -14.71
CA ALA A 66 23.74 8.25 -15.32
C ALA A 66 24.09 8.00 -16.78
N ILE A 67 24.65 6.83 -17.06
CA ILE A 67 25.00 6.45 -18.42
C ILE A 67 23.75 6.21 -19.26
N ALA A 68 22.73 5.63 -18.62
CA ALA A 68 21.49 5.30 -19.31
C ALA A 68 20.63 6.53 -19.60
N HIS A 69 20.78 7.56 -18.77
CA HIS A 69 20.00 8.78 -18.95
C HIS A 69 20.87 10.03 -18.83
N PRO A 70 21.59 10.37 -19.92
CA PRO A 70 22.50 11.52 -19.94
C PRO A 70 21.77 12.86 -19.78
N GLU A 71 20.44 12.85 -19.92
CA GLU A 71 19.66 14.07 -19.73
C GLU A 71 19.26 14.23 -18.27
N TRP A 72 19.54 13.20 -17.47
CA TRP A 72 19.25 13.23 -16.04
C TRP A 72 20.46 13.70 -15.23
N LEU A 73 20.21 14.47 -14.19
CA LEU A 73 21.25 14.80 -13.22
C LEU A 73 21.15 13.80 -12.07
N VAL A 74 22.03 12.80 -12.07
CA VAL A 74 21.99 11.75 -11.07
C VAL A 74 22.87 12.11 -9.87
N VAL A 75 22.23 12.35 -8.73
CA VAL A 75 22.95 12.74 -7.52
C VAL A 75 23.04 11.58 -6.53
N GLY A 76 24.24 11.08 -6.33
CA GLY A 76 24.48 10.01 -5.36
C GLY A 76 24.91 10.56 -4.02
N VAL A 77 24.12 10.27 -2.98
CA VAL A 77 24.43 10.75 -1.64
C VAL A 77 24.77 9.60 -0.71
N ASP A 78 25.92 9.68 -0.07
CA ASP A 78 26.37 8.66 0.87
C ASP A 78 27.48 9.21 1.77
N PRO A 79 27.41 8.91 3.07
CA PRO A 79 28.45 9.36 4.00
C PRO A 79 29.78 8.66 3.78
N ALA A 80 29.74 7.36 3.49
CA ALA A 80 30.94 6.60 3.19
C ALA A 80 31.43 6.91 1.78
N TRP A 81 32.11 8.05 1.64
CA TRP A 81 32.49 8.55 0.32
C TRP A 81 33.67 7.84 -0.32
N GLN A 82 34.46 7.15 0.49
CA GLN A 82 35.69 6.52 -0.02
C GLN A 82 35.35 5.22 -0.79
N ARG A 83 34.16 4.68 -0.58
CA ARG A 83 33.70 3.47 -1.29
C ARG A 83 33.14 3.83 -2.67
N MET A 84 32.95 5.13 -2.89
CA MET A 84 32.42 5.60 -4.18
C MET A 84 33.54 6.03 -5.12
N THR A 85 34.75 6.10 -4.59
CA THR A 85 35.87 6.69 -5.32
C THR A 85 36.19 6.02 -6.65
N GLU A 86 36.09 4.70 -6.70
CA GLU A 86 36.41 3.97 -7.93
C GLU A 86 35.43 4.34 -9.04
N THR A 87 34.16 4.42 -8.70
CA THR A 87 33.14 4.85 -9.64
C THR A 87 33.37 6.30 -10.06
N ALA A 88 33.71 7.13 -9.09
CA ALA A 88 33.98 8.55 -9.33
C ALA A 88 35.16 8.73 -10.28
N VAL A 89 36.08 7.77 -10.28
CA VAL A 89 37.23 7.83 -11.18
C VAL A 89 36.82 7.56 -12.62
N ARG A 90 36.00 6.53 -12.82
CA ARG A 90 35.57 6.16 -14.17
C ARG A 90 34.56 7.18 -14.71
N ALA A 91 33.81 7.81 -13.80
CA ALA A 91 32.86 8.84 -14.18
C ALA A 91 33.58 10.10 -14.65
N ALA A 92 34.76 10.33 -14.09
CA ALA A 92 35.53 11.54 -14.39
C ALA A 92 36.25 11.45 -15.73
N ARG A 93 36.22 10.26 -16.34
CA ARG A 93 36.90 10.05 -17.62
C ARG A 93 36.18 10.75 -18.77
N LYS A 94 36.84 10.79 -19.92
CA LYS A 94 36.23 11.33 -21.14
C LYS A 94 35.05 10.45 -21.55
N PRO A 95 34.04 11.04 -22.23
CA PRO A 95 32.84 10.32 -22.66
C PRO A 95 33.13 9.01 -23.41
N ALA A 96 34.23 8.99 -24.17
CA ALA A 96 34.56 7.84 -25.01
C ALA A 96 35.08 6.67 -24.18
N LYS A 97 35.47 6.95 -22.94
CA LYS A 97 36.00 5.89 -22.08
C LYS A 97 35.15 5.68 -20.84
N GLY A 98 33.86 5.96 -20.96
CA GLY A 98 32.91 5.69 -19.89
C GLY A 98 32.62 6.85 -18.96
N GLY A 99 32.88 8.06 -19.42
CA GLY A 99 32.62 9.24 -18.60
C GLY A 99 31.14 9.52 -18.39
N ALA A 100 30.79 9.99 -17.20
CA ALA A 100 29.41 10.35 -16.89
C ALA A 100 29.36 11.71 -16.19
N PRO A 101 29.45 12.80 -16.97
CA PRO A 101 29.51 14.16 -16.43
C PRO A 101 28.21 14.61 -15.77
N ASN A 102 27.17 13.78 -15.88
CA ASN A 102 25.89 14.09 -15.26
C ASN A 102 25.75 13.44 -13.89
N LEU A 103 26.77 12.70 -13.48
CA LEU A 103 26.80 12.06 -12.18
C LEU A 103 27.46 12.97 -11.15
N VAL A 104 26.79 13.18 -10.01
CA VAL A 104 27.34 13.97 -8.93
C VAL A 104 27.29 13.19 -7.63
N LEU A 105 28.45 12.80 -7.12
CA LEU A 105 28.53 12.02 -5.89
C LEU A 105 28.80 12.92 -4.69
N VAL A 106 27.81 13.05 -3.82
CA VAL A 106 27.90 13.96 -2.68
C VAL A 106 28.18 13.22 -1.37
N SER A 107 29.18 13.69 -0.63
CA SER A 107 29.50 13.13 0.67
C SER A 107 28.62 13.73 1.75
N SER A 108 27.59 12.99 2.17
CA SER A 108 26.67 13.46 3.19
C SER A 108 25.78 12.33 3.72
N ALA A 109 25.29 12.51 4.94
CA ALA A 109 24.29 11.62 5.49
C ALA A 109 22.91 12.20 5.19
N ILE A 110 21.91 11.34 5.10
CA ILE A 110 20.56 11.81 4.76
C ILE A 110 19.91 12.49 5.96
N GLU A 111 20.38 12.15 7.16
CA GLU A 111 19.83 12.73 8.38
C GLU A 111 20.15 14.22 8.47
N THR A 112 21.35 14.59 8.03
CA THR A 112 21.78 15.99 8.07
C THR A 112 22.18 16.49 6.69
N VAL A 113 21.20 16.58 5.80
CA VAL A 113 21.45 17.01 4.42
C VAL A 113 21.73 18.50 4.32
N PRO A 114 22.68 18.88 3.46
CA PRO A 114 23.00 20.30 3.22
C PRO A 114 21.83 21.03 2.59
N ALA A 115 21.77 22.36 2.78
CA ALA A 115 20.69 23.17 2.28
C ALA A 115 20.67 23.23 0.75
N ALA A 116 21.82 22.95 0.14
CA ALA A 116 21.94 22.95 -1.30
C ALA A 116 21.20 21.77 -1.92
N LEU A 117 20.92 20.76 -1.09
CA LEU A 117 20.21 19.57 -1.55
C LEU A 117 18.72 19.64 -1.25
N HIS A 118 18.29 20.70 -0.57
CA HIS A 118 16.90 20.87 -0.21
C HIS A 118 16.00 21.11 -1.43
N GLY A 119 15.02 20.25 -1.62
CA GLY A 119 14.02 20.39 -2.66
C GLY A 119 14.55 20.41 -4.08
N VAL A 120 15.55 19.57 -4.36
CA VAL A 120 16.15 19.53 -5.69
C VAL A 120 15.71 18.34 -6.52
N ALA A 121 15.13 17.34 -5.86
CA ALA A 121 14.87 16.06 -6.51
C ALA A 121 13.51 15.97 -7.20
N ASP A 122 13.50 15.47 -8.42
CA ASP A 122 12.27 15.10 -9.10
C ASP A 122 11.90 13.68 -8.72
N GLU A 123 12.87 12.96 -8.18
CA GLU A 123 12.66 11.59 -7.71
C GLU A 123 13.72 11.22 -6.69
N VAL A 124 13.31 10.52 -5.64
CA VAL A 124 14.22 10.06 -4.61
C VAL A 124 14.19 8.55 -4.51
N MET A 125 15.35 7.92 -4.66
CA MET A 125 15.42 6.46 -4.59
C MET A 125 16.25 5.97 -3.41
N VAL A 126 15.74 4.96 -2.73
CA VAL A 126 16.49 4.26 -1.69
C VAL A 126 16.57 2.79 -2.08
N LEU A 127 17.61 2.44 -2.84
CA LEU A 127 17.74 1.11 -3.41
C LEU A 127 18.68 0.23 -2.58
N MET A 128 18.12 -0.84 -2.01
CA MET A 128 18.87 -1.81 -1.22
C MET A 128 19.73 -1.18 -0.13
N PRO A 129 19.09 -0.53 0.86
CA PRO A 129 19.86 0.15 1.91
C PRO A 129 20.44 -0.80 2.97
N TRP A 130 21.47 -0.34 3.66
CA TRP A 130 22.03 -1.06 4.80
C TRP A 130 22.21 -0.11 5.98
N GLY A 131 22.68 -0.63 7.10
CA GLY A 131 22.97 0.18 8.26
C GLY A 131 21.83 1.05 8.76
N LYS A 132 22.14 2.29 9.11
CA LYS A 132 21.16 3.21 9.69
C LYS A 132 20.05 3.58 8.70
N LEU A 133 20.39 3.63 7.42
CA LEU A 133 19.42 3.95 6.39
C LEU A 133 18.35 2.88 6.30
N LEU A 134 18.78 1.62 6.31
CA LEU A 134 17.85 0.49 6.25
C LEU A 134 16.97 0.43 7.49
N ARG A 135 17.58 0.51 8.66
CA ARG A 135 16.84 0.48 9.92
C ARG A 135 15.93 1.70 10.02
N GLY A 136 16.42 2.85 9.59
CA GLY A 136 15.65 4.07 9.59
C GLY A 136 14.40 3.97 8.73
N VAL A 137 14.54 3.32 7.58
CA VAL A 137 13.42 3.13 6.66
C VAL A 137 12.40 2.13 7.22
N VAL A 138 12.91 1.04 7.79
CA VAL A 138 12.05 0.00 8.35
C VAL A 138 11.25 0.48 9.56
N LEU A 139 11.93 1.15 10.49
CA LEU A 139 11.29 1.66 11.70
C LEU A 139 10.48 2.92 11.44
N GLY A 140 10.93 3.73 10.47
CA GLY A 140 10.30 5.01 10.20
C GLY A 140 10.87 6.09 11.08
N GLU A 141 12.19 6.06 11.28
CA GLU A 141 12.88 7.07 12.07
C GLU A 141 12.68 8.46 11.46
N ALA A 142 12.39 9.43 12.31
CA ALA A 142 12.06 10.77 11.86
C ALA A 142 13.24 11.45 11.14
N ASP A 143 14.43 11.30 11.69
CA ASP A 143 15.61 11.98 11.13
C ASP A 143 15.91 11.51 9.71
N VAL A 144 15.61 10.25 9.42
CA VAL A 144 15.83 9.71 8.09
C VAL A 144 14.73 10.12 7.13
N LEU A 145 13.48 9.89 7.52
CA LEU A 145 12.33 10.22 6.69
C LEU A 145 12.26 11.70 6.36
N SER A 146 12.56 12.55 7.35
CA SER A 146 12.56 13.99 7.14
C SER A 146 13.69 14.41 6.20
N GLY A 147 14.82 13.73 6.30
CA GLY A 147 15.95 14.00 5.43
C GLY A 147 15.64 13.62 3.99
N LEU A 148 14.92 12.53 3.83
CA LEU A 148 14.46 12.10 2.50
C LEU A 148 13.48 13.12 1.95
N ARG A 149 12.56 13.57 2.80
CA ARG A 149 11.54 14.54 2.42
C ARG A 149 12.16 15.90 2.07
N ALA A 150 13.27 16.23 2.73
CA ALA A 150 13.90 17.54 2.57
C ALA A 150 14.49 17.73 1.17
N VAL A 151 14.98 16.64 0.57
CA VAL A 151 15.65 16.75 -0.73
C VAL A 151 14.66 16.69 -1.89
N ALA A 152 13.42 16.33 -1.60
CA ALA A 152 12.42 16.13 -2.64
C ALA A 152 11.65 17.41 -2.97
N LYS A 153 11.30 17.57 -4.24
CA LYS A 153 10.35 18.60 -4.64
C LYS A 153 8.95 18.09 -4.34
N PRO A 154 7.97 19.01 -4.21
CA PRO A 154 6.59 18.55 -4.05
C PRO A 154 6.14 17.70 -5.23
N GLY A 155 5.50 16.57 -4.95
CA GLY A 155 5.02 15.68 -5.98
C GLY A 155 6.06 14.65 -6.41
N ALA A 156 7.25 14.74 -5.86
CA ALA A 156 8.32 13.81 -6.19
C ALA A 156 8.05 12.44 -5.59
N PRO A 157 8.25 11.38 -6.38
CA PRO A 157 8.14 10.00 -5.89
C PRO A 157 9.31 9.60 -5.01
N LEU A 158 9.03 8.78 -4.00
CA LEU A 158 10.08 8.12 -3.22
C LEU A 158 10.01 6.63 -3.46
N GLU A 159 11.09 6.05 -3.98
CA GLU A 159 11.15 4.61 -4.23
C GLU A 159 12.10 3.91 -3.25
N ILE A 160 11.56 2.98 -2.48
CA ILE A 160 12.37 2.17 -1.59
C ILE A 160 12.35 0.71 -2.03
N SER A 161 13.53 0.13 -2.22
CA SER A 161 13.63 -1.28 -2.59
C SER A 161 14.43 -2.05 -1.54
N ILE A 162 13.79 -3.05 -0.95
CA ILE A 162 14.42 -3.86 0.09
C ILE A 162 14.25 -5.34 -0.22
N GLY A 163 15.37 -6.02 -0.49
CA GLY A 163 15.35 -7.46 -0.69
C GLY A 163 14.99 -8.15 0.60
N THR A 164 13.99 -9.02 0.56
CA THR A 164 13.48 -9.66 1.77
C THR A 164 14.35 -10.81 2.25
N SER A 165 15.39 -11.13 1.50
CA SER A 165 16.29 -12.22 1.86
C SER A 165 17.11 -11.88 3.10
N ILE A 166 17.15 -10.61 3.44
CA ILE A 166 17.93 -10.16 4.60
C ILE A 166 17.33 -10.63 5.92
N TRP A 167 16.09 -11.10 5.88
CA TRP A 167 15.45 -11.61 7.08
C TRP A 167 15.61 -13.13 7.19
N ARG A 168 16.41 -13.69 6.30
CA ARG A 168 16.86 -15.07 6.43
C ARG A 168 18.12 -15.10 7.27
N GLU A 169 18.35 -16.21 7.97
CA GLU A 169 19.55 -16.35 8.79
C GLU A 169 20.78 -16.59 7.91
N PRO A 170 21.90 -15.91 8.22
CA PRO A 170 22.05 -14.98 9.35
C PRO A 170 21.47 -13.60 9.07
N ILE A 171 20.70 -13.09 10.02
CA ILE A 171 20.06 -11.78 9.89
C ILE A 171 21.02 -10.68 10.33
N PRO A 172 21.20 -9.65 9.49
CA PRO A 172 22.04 -8.49 9.80
C PRO A 172 21.63 -7.83 11.12
N LEU A 173 22.63 -7.33 11.85
CA LEU A 173 22.43 -6.79 13.19
C LEU A 173 21.44 -5.62 13.24
N GLU A 174 21.45 -4.78 12.21
CA GLU A 174 20.67 -3.54 12.23
C GLU A 174 19.16 -3.76 12.09
N ILE A 175 18.76 -4.96 11.68
CA ILE A 175 17.33 -5.28 11.60
C ILE A 175 17.03 -6.58 12.34
N ARG A 176 17.98 -7.00 13.16
CA ARG A 176 17.93 -8.29 13.84
C ARG A 176 16.74 -8.40 14.80
N ASP A 177 16.42 -7.30 15.48
CA ASP A 177 15.33 -7.31 16.45
C ASP A 177 14.00 -6.91 15.82
N LEU A 178 14.02 -6.65 14.52
CA LEU A 178 12.82 -6.20 13.83
C LEU A 178 12.15 -7.32 13.04
N PRO A 179 10.82 -7.39 13.10
CA PRO A 179 10.07 -8.37 12.31
C PRO A 179 10.19 -8.09 10.82
N GLU A 180 10.08 -9.11 9.98
CA GLU A 180 10.22 -8.94 8.53
C GLU A 180 9.19 -7.94 8.00
N LEU A 181 9.66 -7.02 7.16
CA LEU A 181 8.79 -6.01 6.60
C LEU A 181 7.98 -6.57 5.43
N THR A 182 6.68 -6.73 5.64
CA THR A 182 5.76 -7.17 4.61
C THR A 182 4.79 -6.02 4.34
N PRO A 183 4.04 -6.07 3.22
CA PRO A 183 2.99 -5.08 2.99
C PRO A 183 2.07 -4.91 4.20
N GLU A 184 1.74 -6.02 4.85
CA GLU A 184 0.84 -6.00 6.00
C GLU A 184 1.50 -5.37 7.22
N THR A 185 2.80 -5.57 7.38
CA THR A 185 3.51 -5.01 8.52
C THR A 185 3.82 -3.52 8.34
N VAL A 186 3.99 -3.11 7.08
CA VAL A 186 4.18 -1.70 6.77
C VAL A 186 3.03 -0.88 7.35
N VAL A 187 1.84 -1.44 7.28
CA VAL A 187 0.65 -0.82 7.85
C VAL A 187 0.57 -1.00 9.37
N SER A 188 0.71 -2.25 9.81
CA SER A 188 0.48 -2.58 11.22
C SER A 188 1.53 -2.02 12.17
N THR A 189 2.75 -1.80 11.67
CA THR A 189 3.81 -1.23 12.50
C THR A 189 3.66 0.28 12.60
N GLY A 190 2.82 0.85 11.74
CA GLY A 190 2.56 2.27 11.75
C GLY A 190 3.54 3.06 10.88
N LEU A 191 4.36 2.33 10.12
CA LEU A 191 5.34 2.95 9.22
C LEU A 191 4.66 3.92 8.26
N THR A 192 3.49 3.51 7.79
CA THR A 192 2.67 4.33 6.90
C THR A 192 2.21 5.62 7.57
N ASP A 193 1.88 5.53 8.86
CA ASP A 193 1.48 6.70 9.63
C ASP A 193 2.64 7.68 9.80
N ARG A 194 3.82 7.14 10.07
CA ARG A 194 5.00 7.96 10.30
C ARG A 194 5.49 8.63 9.02
N LEU A 195 5.33 7.94 7.89
CA LEU A 195 5.62 8.53 6.59
C LEU A 195 4.65 9.67 6.31
N ALA A 196 3.39 9.47 6.70
CA ALA A 196 2.34 10.46 6.49
C ALA A 196 2.57 11.73 7.31
N ALA A 197 3.08 11.56 8.53
CA ALA A 197 3.28 12.68 9.43
C ALA A 197 4.50 13.51 9.04
N LEU A 198 5.31 12.99 8.11
CA LEU A 198 6.54 13.66 7.73
C LEU A 198 6.58 14.02 6.25
N GLY A 199 5.40 14.05 5.61
CA GLY A 199 5.29 14.54 4.25
C GLY A 199 5.35 13.50 3.15
N TRP A 200 5.23 12.23 3.52
CA TRP A 200 5.24 11.16 2.53
C TRP A 200 3.90 10.43 2.47
N GLN A 201 3.20 10.55 1.34
CA GLN A 201 1.96 9.83 1.13
C GLN A 201 2.22 8.53 0.39
N VAL A 202 1.98 7.41 1.06
CA VAL A 202 2.19 6.09 0.48
C VAL A 202 1.29 5.89 -0.73
N ALA A 203 1.89 5.54 -1.86
CA ALA A 203 1.14 5.35 -3.10
C ALA A 203 0.97 3.87 -3.43
N ASP A 204 2.01 3.07 -3.18
CA ASP A 204 1.96 1.65 -3.48
C ASP A 204 2.99 0.85 -2.70
N VAL A 205 2.59 -0.36 -2.30
CA VAL A 205 3.51 -1.33 -1.69
C VAL A 205 3.24 -2.70 -2.30
N ARG A 206 4.29 -3.37 -2.77
CA ARG A 206 4.13 -4.67 -3.42
C ARG A 206 5.37 -5.55 -3.35
N LEU A 207 5.16 -6.85 -3.18
CA LEU A 207 6.25 -7.82 -3.21
C LEU A 207 6.52 -8.24 -4.65
N VAL A 208 7.80 -8.26 -5.04
CA VAL A 208 8.16 -8.57 -6.43
C VAL A 208 9.30 -9.58 -6.53
N PRO A 209 8.95 -10.87 -6.74
CA PRO A 209 9.96 -11.86 -7.15
C PRO A 209 10.14 -11.89 -8.67
N THR A 229 17.06 -14.30 -8.23
CA THR A 229 15.85 -13.64 -7.74
C THR A 229 15.53 -14.05 -6.31
N GLU A 230 14.72 -13.20 -5.71
CA GLU A 230 14.56 -13.08 -4.27
C GLU A 230 13.36 -12.16 -4.22
N THR A 231 12.51 -12.21 -3.20
CA THR A 231 11.42 -11.25 -3.20
C THR A 231 11.97 -9.89 -2.82
N VAL A 232 11.56 -8.87 -3.56
CA VAL A 232 11.96 -7.51 -3.26
C VAL A 232 10.75 -6.67 -2.88
N LEU A 233 10.77 -6.12 -1.67
CA LEU A 233 9.69 -5.27 -1.21
C LEU A 233 9.83 -3.88 -1.80
N HIS A 234 8.83 -3.44 -2.55
CA HIS A 234 8.84 -2.12 -3.17
C HIS A 234 7.85 -1.19 -2.50
N LEU A 235 8.34 -0.03 -2.05
CA LEU A 235 7.47 0.99 -1.48
C LEU A 235 7.53 2.26 -2.32
N ARG A 236 6.36 2.82 -2.61
CA ARG A 236 6.27 4.06 -3.39
C ARG A 236 5.47 5.13 -2.65
N ALA A 237 6.08 6.29 -2.46
CA ALA A 237 5.40 7.41 -1.81
C ALA A 237 5.53 8.67 -2.65
N VAL A 238 4.71 9.67 -2.34
CA VAL A 238 4.75 10.95 -3.04
C VAL A 238 4.91 12.09 -2.05
N ALA A 239 5.81 13.03 -2.36
CA ALA A 239 6.07 14.16 -1.47
C ALA A 239 4.86 15.09 -1.37
N VAL A 240 4.34 15.23 -0.16
CA VAL A 240 3.18 16.08 0.10
C VAL A 240 3.37 16.87 1.38
N ASP A 241 2.32 17.59 1.80
CA ASP A 241 2.33 18.29 3.07
C ASP A 241 2.24 17.29 4.22
N PRO A 242 2.99 17.55 5.31
CA PRO A 242 2.93 16.70 6.50
C PRO A 242 1.58 16.81 7.20
N ARG A 243 0.89 15.68 7.33
CA ARG A 243 -0.38 15.66 8.05
C ARG A 243 -0.29 14.79 9.31
N ASP A 244 -0.98 13.65 9.32
CA ASP A 244 -0.88 12.68 10.42
C ASP A 244 -1.51 11.36 9.99
N ALA B 23 -11.96 -25.89 0.73
CA ALA B 23 -13.10 -26.53 1.38
C ALA B 23 -13.75 -25.61 2.39
N LEU B 24 -14.61 -24.72 1.91
CA LEU B 24 -15.28 -23.73 2.76
C LEU B 24 -16.32 -24.36 3.67
N LYS B 25 -16.60 -23.68 4.78
CA LYS B 25 -17.73 -24.04 5.63
C LYS B 25 -18.93 -23.18 5.26
N VAL B 26 -19.92 -23.79 4.62
CA VAL B 26 -21.04 -23.07 4.04
C VAL B 26 -22.35 -23.45 4.71
N LEU B 27 -23.31 -22.52 4.72
CA LEU B 27 -24.64 -22.79 5.27
C LEU B 27 -25.47 -23.68 4.36
N ALA B 28 -26.03 -24.73 4.93
CA ALA B 28 -27.00 -25.57 4.26
C ALA B 28 -28.28 -25.56 5.09
N GLY B 29 -29.04 -24.48 5.00
CA GLY B 29 -30.22 -24.32 5.82
C GLY B 29 -29.84 -23.81 7.20
N LYS B 30 -30.04 -24.64 8.22
CA LYS B 30 -29.84 -24.18 9.60
C LYS B 30 -28.42 -24.38 10.14
N LYS B 31 -27.71 -25.43 9.70
CA LYS B 31 -26.35 -25.68 10.17
C LYS B 31 -25.38 -26.09 9.05
N LEU B 32 -24.09 -26.03 9.35
CA LEU B 32 -23.06 -25.92 8.33
C LEU B 32 -22.60 -27.20 7.61
N THR B 33 -21.88 -26.98 6.51
CA THR B 33 -21.50 -28.03 5.57
C THR B 33 -20.18 -27.66 4.89
N ASP B 34 -19.35 -28.66 4.62
CA ASP B 34 -18.15 -28.45 3.81
C ASP B 34 -18.53 -28.41 2.34
N LEU B 35 -18.27 -27.28 1.68
CA LEU B 35 -18.59 -27.15 0.26
C LEU B 35 -17.60 -27.92 -0.59
N ASP B 36 -18.12 -28.76 -1.47
CA ASP B 36 -17.31 -29.58 -2.36
C ASP B 36 -16.45 -28.68 -3.26
N PRO B 37 -15.12 -28.80 -3.13
CA PRO B 37 -14.12 -27.99 -3.85
C PRO B 37 -14.36 -27.84 -5.35
N ASP B 38 -14.81 -28.88 -6.03
CA ASP B 38 -15.05 -28.79 -7.47
C ASP B 38 -16.46 -28.28 -7.78
N GLU B 39 -17.37 -28.43 -6.82
CA GLU B 39 -18.68 -27.80 -6.92
C GLU B 39 -18.51 -26.29 -6.81
N TRP B 40 -17.56 -25.89 -5.97
CA TRP B 40 -17.20 -24.49 -5.79
C TRP B 40 -16.57 -23.93 -7.07
N ALA B 41 -15.83 -24.78 -7.77
CA ALA B 41 -15.13 -24.36 -8.98
C ALA B 41 -16.10 -24.16 -10.16
N LYS B 42 -17.07 -25.04 -10.28
CA LYS B 42 -18.02 -24.98 -11.38
C LYS B 42 -19.05 -23.86 -11.19
N ALA B 43 -19.32 -23.52 -9.94
CA ALA B 43 -20.23 -22.42 -9.63
C ALA B 43 -19.60 -21.09 -10.02
N GLN B 44 -18.29 -20.97 -9.77
CA GLN B 44 -17.54 -19.80 -10.19
C GLN B 44 -17.57 -19.67 -11.71
N ALA B 45 -17.33 -20.77 -12.40
CA ALA B 45 -17.24 -20.79 -13.85
C ALA B 45 -18.59 -20.47 -14.50
N SER B 46 -19.67 -20.88 -13.85
CA SER B 46 -21.01 -20.68 -14.39
C SER B 46 -21.53 -19.27 -14.17
N ALA B 47 -20.82 -18.51 -13.33
CA ALA B 47 -21.24 -17.15 -13.01
C ALA B 47 -20.72 -16.15 -14.03
N GLU B 48 -21.52 -15.13 -14.32
CA GLU B 48 -21.08 -14.02 -15.15
C GLU B 48 -20.24 -13.07 -14.31
N ARG B 49 -20.65 -12.90 -13.05
CA ARG B 49 -19.96 -12.02 -12.12
C ARG B 49 -19.98 -12.63 -10.72
N ILE B 50 -18.87 -12.51 -10.00
CA ILE B 50 -18.80 -13.03 -8.64
C ILE B 50 -18.71 -11.89 -7.62
N LEU B 51 -19.74 -11.77 -6.79
CA LEU B 51 -19.82 -10.72 -5.79
C LEU B 51 -19.62 -11.27 -4.39
N VAL B 52 -18.80 -10.59 -3.60
CA VAL B 52 -18.53 -11.03 -2.23
C VAL B 52 -18.95 -9.96 -1.23
N ASP B 53 -19.99 -10.27 -0.45
CA ASP B 53 -20.45 -9.38 0.60
C ASP B 53 -19.79 -9.72 1.93
N VAL B 54 -18.80 -8.92 2.31
CA VAL B 54 -18.15 -9.10 3.61
C VAL B 54 -18.97 -8.41 4.68
N GLY B 55 -19.38 -9.18 5.69
CA GLY B 55 -20.27 -8.67 6.72
C GLY B 55 -21.69 -8.60 6.17
N THR B 56 -22.50 -9.59 6.51
CA THR B 56 -23.83 -9.70 5.94
C THR B 56 -24.94 -9.49 6.96
N GLY B 57 -24.61 -9.57 8.24
CA GLY B 57 -25.61 -9.51 9.28
C GLY B 57 -26.53 -10.72 9.19
N ASP B 58 -27.73 -10.50 8.67
CA ASP B 58 -28.68 -11.59 8.47
C ASP B 58 -28.67 -12.09 7.03
N ALA B 59 -27.76 -11.53 6.24
CA ALA B 59 -27.57 -11.93 4.85
C ALA B 59 -28.80 -11.73 3.98
N ARG B 60 -29.72 -10.86 4.41
CA ARG B 60 -30.94 -10.62 3.64
C ARG B 60 -30.65 -9.70 2.45
N THR B 61 -29.71 -8.79 2.62
CA THR B 61 -29.29 -7.92 1.53
C THR B 61 -28.61 -8.74 0.44
N ALA B 62 -27.78 -9.70 0.87
CA ALA B 62 -27.11 -10.60 -0.05
C ALA B 62 -28.13 -11.50 -0.76
N TYR B 63 -29.22 -11.80 -0.06
CA TYR B 63 -30.27 -12.64 -0.62
C TYR B 63 -31.00 -11.93 -1.75
N ARG B 64 -31.36 -10.67 -1.52
CA ARG B 64 -32.10 -9.90 -2.50
C ARG B 64 -31.23 -9.58 -3.71
N GLN B 65 -29.92 -9.43 -3.49
CA GLN B 65 -28.98 -9.26 -4.59
C GLN B 65 -28.93 -10.50 -5.48
N ALA B 66 -28.91 -11.67 -4.83
CA ALA B 66 -28.87 -12.94 -5.54
C ALA B 66 -30.14 -13.17 -6.36
N ILE B 67 -31.27 -12.81 -5.77
CA ILE B 67 -32.56 -12.93 -6.45
C ILE B 67 -32.64 -11.99 -7.65
N ALA B 68 -32.14 -10.76 -7.45
CA ALA B 68 -32.19 -9.74 -8.50
C ALA B 68 -31.20 -10.04 -9.63
N HIS B 69 -30.18 -10.82 -9.32
CA HIS B 69 -29.18 -11.20 -10.32
C HIS B 69 -28.86 -12.68 -10.26
N PRO B 70 -29.71 -13.52 -10.85
CA PRO B 70 -29.49 -14.97 -10.85
C PRO B 70 -28.21 -15.39 -11.56
N GLU B 71 -27.65 -14.48 -12.38
CA GLU B 71 -26.41 -14.78 -13.08
C GLU B 71 -25.20 -14.43 -12.24
N TRP B 72 -25.43 -13.82 -11.07
CA TRP B 72 -24.36 -13.50 -10.14
C TRP B 72 -24.17 -14.59 -9.09
N LEU B 73 -22.91 -14.90 -8.78
CA LEU B 73 -22.61 -15.75 -7.64
C LEU B 73 -22.36 -14.85 -6.44
N VAL B 74 -23.37 -14.72 -5.57
CA VAL B 74 -23.27 -13.85 -4.42
C VAL B 74 -22.73 -14.60 -3.21
N VAL B 75 -21.53 -14.23 -2.77
CA VAL B 75 -20.89 -14.90 -1.64
C VAL B 75 -20.97 -14.05 -0.38
N GLY B 76 -21.78 -14.50 0.57
CA GLY B 76 -21.87 -13.84 1.86
C GLY B 76 -20.87 -14.40 2.85
N VAL B 77 -19.99 -13.54 3.34
CA VAL B 77 -18.95 -13.96 4.28
C VAL B 77 -19.14 -13.27 5.63
N ASP B 78 -19.36 -14.07 6.67
CA ASP B 78 -19.59 -13.55 8.01
C ASP B 78 -19.33 -14.63 9.06
N PRO B 79 -18.63 -14.26 10.15
CA PRO B 79 -18.33 -15.21 11.22
C PRO B 79 -19.55 -15.60 12.05
N ALA B 80 -20.44 -14.64 12.32
CA ALA B 80 -21.66 -14.92 13.07
C ALA B 80 -22.68 -15.60 12.18
N TRP B 81 -22.65 -16.93 12.13
CA TRP B 81 -23.42 -17.65 11.13
C TRP B 81 -24.80 -18.13 11.60
N GLN B 82 -25.15 -17.87 12.86
CA GLN B 82 -26.50 -18.16 13.32
C GLN B 82 -27.49 -17.14 12.77
N ARG B 83 -27.08 -15.88 12.75
CA ARG B 83 -27.96 -14.79 12.35
C ARG B 83 -28.22 -14.81 10.84
N MET B 84 -27.56 -15.71 10.13
CA MET B 84 -27.77 -15.89 8.69
C MET B 84 -28.67 -17.07 8.38
N THR B 85 -28.88 -17.94 9.38
CA THR B 85 -29.58 -19.21 9.17
C THR B 85 -31.00 -19.06 8.63
N GLU B 86 -31.69 -18.00 9.05
CA GLU B 86 -33.05 -17.75 8.56
C GLU B 86 -33.05 -17.54 7.06
N THR B 87 -32.10 -16.75 6.58
CA THR B 87 -31.96 -16.49 5.15
C THR B 87 -31.54 -17.75 4.40
N ALA B 88 -30.68 -18.55 5.01
CA ALA B 88 -30.16 -19.76 4.38
C ALA B 88 -31.26 -20.81 4.20
N VAL B 89 -32.22 -20.81 5.12
CA VAL B 89 -33.36 -21.72 5.03
C VAL B 89 -34.19 -21.38 3.79
N ARG B 90 -34.42 -20.09 3.57
CA ARG B 90 -35.23 -19.64 2.45
C ARG B 90 -34.47 -19.82 1.12
N ALA B 91 -33.16 -19.59 1.14
CA ALA B 91 -32.35 -19.73 -0.07
C ALA B 91 -32.23 -21.18 -0.49
N ALA B 92 -32.45 -22.08 0.46
CA ALA B 92 -32.38 -23.51 0.20
C ALA B 92 -33.70 -24.07 -0.30
N ARG B 93 -34.72 -23.21 -0.34
CA ARG B 93 -36.04 -23.61 -0.81
C ARG B 93 -36.03 -23.63 -2.35
N LYS B 94 -36.98 -24.32 -2.97
CA LYS B 94 -37.00 -24.48 -4.43
C LYS B 94 -37.30 -23.14 -5.12
N PRO B 95 -36.92 -22.98 -6.42
CA PRO B 95 -37.04 -21.71 -7.17
C PRO B 95 -38.35 -20.96 -6.98
N ALA B 96 -39.46 -21.57 -7.38
CA ALA B 96 -40.76 -21.03 -7.04
C ALA B 96 -41.03 -21.36 -5.60
N LYS B 97 -40.66 -20.39 -4.75
CA LYS B 97 -40.87 -20.39 -3.29
C LYS B 97 -39.75 -19.55 -2.68
N GLY B 98 -39.05 -18.81 -3.53
CA GLY B 98 -38.05 -17.86 -3.06
C GLY B 98 -36.68 -18.46 -2.88
N GLY B 99 -36.35 -19.46 -3.70
CA GLY B 99 -35.03 -20.08 -3.63
C GLY B 99 -33.98 -19.28 -4.35
N ALA B 100 -32.77 -19.27 -3.78
CA ALA B 100 -31.64 -18.57 -4.39
C ALA B 100 -30.41 -19.47 -4.40
N PRO B 101 -30.29 -20.32 -5.43
CA PRO B 101 -29.19 -21.29 -5.55
C PRO B 101 -27.85 -20.62 -5.82
N ASN B 102 -27.87 -19.33 -6.15
CA ASN B 102 -26.66 -18.59 -6.45
C ASN B 102 -26.08 -17.90 -5.22
N LEU B 103 -26.75 -18.08 -4.08
CA LEU B 103 -26.29 -17.49 -2.83
C LEU B 103 -25.44 -18.48 -2.04
N VAL B 104 -24.23 -18.07 -1.68
CA VAL B 104 -23.33 -18.90 -0.91
C VAL B 104 -22.94 -18.22 0.39
N LEU B 105 -23.48 -18.70 1.51
CA LEU B 105 -23.21 -18.10 2.81
C LEU B 105 -22.04 -18.81 3.49
N VAL B 106 -20.90 -18.12 3.57
CA VAL B 106 -19.68 -18.71 4.10
C VAL B 106 -19.42 -18.26 5.54
N SER B 107 -19.17 -19.22 6.42
CA SER B 107 -18.85 -18.93 7.81
C SER B 107 -17.35 -18.69 7.99
N SER B 108 -16.96 -17.43 8.03
CA SER B 108 -15.55 -17.07 8.17
C SER B 108 -15.37 -15.60 8.49
N ALA B 109 -14.30 -15.29 9.21
CA ALA B 109 -13.87 -13.92 9.41
C ALA B 109 -13.05 -13.48 8.20
N ILE B 110 -13.11 -12.20 7.85
CA ILE B 110 -12.38 -11.72 6.68
C ILE B 110 -10.89 -11.68 6.97
N GLU B 111 -10.53 -11.57 8.25
CA GLU B 111 -9.14 -11.53 8.66
C GLU B 111 -8.42 -12.82 8.31
N THR B 112 -9.11 -13.94 8.50
CA THR B 112 -8.54 -15.26 8.24
C THR B 112 -9.35 -16.01 7.20
N VAL B 113 -9.56 -15.36 6.06
CA VAL B 113 -10.37 -15.93 4.97
C VAL B 113 -9.69 -17.17 4.38
N PRO B 114 -10.48 -18.21 4.07
CA PRO B 114 -9.95 -19.42 3.44
C PRO B 114 -9.28 -19.16 2.10
N ALA B 115 -8.35 -20.04 1.71
CA ALA B 115 -7.63 -19.91 0.45
C ALA B 115 -8.55 -20.16 -0.75
N ALA B 116 -9.68 -20.80 -0.50
CA ALA B 116 -10.65 -21.08 -1.55
C ALA B 116 -11.35 -19.80 -2.00
N LEU B 117 -11.31 -18.78 -1.15
CA LEU B 117 -11.93 -17.50 -1.48
C LEU B 117 -10.93 -16.48 -2.02
N HIS B 118 -9.67 -16.89 -2.10
CA HIS B 118 -8.62 -16.01 -2.60
C HIS B 118 -8.80 -15.68 -4.08
N GLY B 119 -8.86 -14.38 -4.39
CA GLY B 119 -8.92 -13.89 -5.76
C GLY B 119 -10.09 -14.40 -6.58
N VAL B 120 -11.27 -14.43 -5.99
CA VAL B 120 -12.46 -14.93 -6.70
C VAL B 120 -13.41 -13.81 -7.11
N ALA B 121 -13.33 -12.68 -6.42
CA ALA B 121 -14.34 -11.64 -6.53
C ALA B 121 -14.11 -10.66 -7.68
N ASP B 122 -15.17 -10.44 -8.45
CA ASP B 122 -15.19 -9.36 -9.45
C ASP B 122 -15.55 -8.05 -8.76
N GLU B 123 -16.09 -8.16 -7.55
CA GLU B 123 -16.45 -6.99 -6.75
C GLU B 123 -16.54 -7.36 -5.28
N VAL B 124 -16.13 -6.45 -4.41
CA VAL B 124 -16.15 -6.68 -2.97
C VAL B 124 -16.93 -5.58 -2.25
N MET B 125 -18.01 -5.95 -1.58
CA MET B 125 -18.83 -4.97 -0.88
C MET B 125 -18.75 -5.11 0.64
N VAL B 126 -18.68 -3.96 1.31
CA VAL B 126 -18.75 -3.91 2.77
C VAL B 126 -19.87 -2.94 3.17
N LEU B 127 -21.10 -3.44 3.19
CA LEU B 127 -22.28 -2.61 3.39
C LEU B 127 -22.72 -2.55 4.85
N MET B 128 -22.69 -1.34 5.42
CA MET B 128 -23.09 -1.10 6.81
C MET B 128 -22.45 -2.09 7.79
N PRO B 129 -21.11 -2.07 7.89
CA PRO B 129 -20.45 -3.05 8.76
C PRO B 129 -20.61 -2.72 10.24
N TRP B 130 -20.37 -3.70 11.09
CA TRP B 130 -20.36 -3.50 12.53
C TRP B 130 -19.16 -4.23 13.14
N GLY B 131 -18.90 -3.97 14.41
CA GLY B 131 -17.84 -4.66 15.12
C GLY B 131 -16.45 -4.45 14.56
N LYS B 132 -15.69 -5.54 14.48
CA LYS B 132 -14.29 -5.47 14.05
C LYS B 132 -14.16 -5.06 12.59
N LEU B 133 -15.12 -5.47 11.76
CA LEU B 133 -15.11 -5.11 10.35
C LEU B 133 -15.27 -3.60 10.19
N LEU B 134 -16.10 -3.01 11.04
CA LEU B 134 -16.31 -1.56 11.01
C LEU B 134 -15.07 -0.81 11.51
N ARG B 135 -14.58 -1.21 12.69
CA ARG B 135 -13.41 -0.58 13.28
C ARG B 135 -12.17 -0.78 12.40
N GLY B 136 -12.07 -1.95 11.79
CA GLY B 136 -10.97 -2.26 10.89
C GLY B 136 -10.99 -1.39 9.66
N VAL B 137 -12.19 -1.12 9.14
CA VAL B 137 -12.34 -0.31 7.93
C VAL B 137 -12.09 1.17 8.23
N VAL B 138 -12.57 1.64 9.37
CA VAL B 138 -12.37 3.04 9.78
C VAL B 138 -10.90 3.32 10.08
N LEU B 139 -10.27 2.41 10.83
CA LEU B 139 -8.87 2.57 11.21
C LEU B 139 -7.90 2.18 10.11
N GLY B 140 -8.32 1.23 9.27
CA GLY B 140 -7.43 0.70 8.25
C GLY B 140 -6.57 -0.41 8.84
N GLU B 141 -7.18 -1.29 9.63
CA GLU B 141 -6.48 -2.42 10.21
C GLU B 141 -5.97 -3.35 9.12
N ALA B 142 -4.70 -3.73 9.24
CA ALA B 142 -4.02 -4.51 8.21
C ALA B 142 -4.67 -5.86 7.95
N ASP B 143 -5.04 -6.57 9.02
CA ASP B 143 -5.62 -7.90 8.90
C ASP B 143 -6.96 -7.87 8.17
N VAL B 144 -7.67 -6.76 8.28
CA VAL B 144 -8.97 -6.61 7.64
C VAL B 144 -8.81 -6.21 6.17
N LEU B 145 -7.99 -5.19 5.92
CA LEU B 145 -7.81 -4.68 4.56
C LEU B 145 -7.16 -5.72 3.64
N SER B 146 -6.15 -6.41 4.15
CA SER B 146 -5.47 -7.44 3.36
C SER B 146 -6.40 -8.63 3.11
N GLY B 147 -7.27 -8.90 4.08
CA GLY B 147 -8.27 -9.94 3.92
C GLY B 147 -9.25 -9.57 2.83
N LEU B 148 -9.67 -8.31 2.82
CA LEU B 148 -10.54 -7.79 1.78
C LEU B 148 -9.85 -7.86 0.42
N ARG B 149 -8.55 -7.60 0.40
CA ARG B 149 -7.77 -7.64 -0.82
C ARG B 149 -7.55 -9.08 -1.30
N ALA B 150 -7.50 -10.01 -0.34
CA ALA B 150 -7.22 -11.41 -0.62
C ALA B 150 -8.26 -12.04 -1.53
N VAL B 151 -9.54 -11.68 -1.33
CA VAL B 151 -10.63 -12.29 -2.06
C VAL B 151 -10.87 -11.67 -3.43
N ALA B 152 -10.27 -10.50 -3.65
CA ALA B 152 -10.54 -9.73 -4.86
C ALA B 152 -9.62 -10.09 -6.02
N LYS B 153 -10.19 -10.15 -7.22
CA LYS B 153 -9.40 -10.23 -8.43
C LYS B 153 -8.82 -8.85 -8.72
N PRO B 154 -7.68 -8.81 -9.45
CA PRO B 154 -7.13 -7.52 -9.86
C PRO B 154 -8.14 -6.69 -10.67
N GLY B 155 -8.37 -5.45 -10.24
CA GLY B 155 -9.29 -4.58 -10.95
C GLY B 155 -10.66 -4.51 -10.27
N ALA B 156 -10.95 -5.49 -9.42
CA ALA B 156 -12.23 -5.54 -8.73
C ALA B 156 -12.41 -4.35 -7.80
N PRO B 157 -13.59 -3.72 -7.84
CA PRO B 157 -13.89 -2.57 -6.97
C PRO B 157 -14.11 -2.98 -5.52
N LEU B 158 -13.78 -2.09 -4.60
CA LEU B 158 -14.17 -2.23 -3.20
C LEU B 158 -15.20 -1.16 -2.89
N GLU B 159 -16.37 -1.57 -2.43
CA GLU B 159 -17.45 -0.64 -2.13
C GLU B 159 -17.76 -0.66 -0.64
N ILE B 160 -17.45 0.44 0.05
CA ILE B 160 -17.72 0.54 1.48
C ILE B 160 -18.81 1.57 1.75
N SER B 161 -19.87 1.16 2.43
CA SER B 161 -20.97 2.05 2.77
C SER B 161 -21.17 2.13 4.26
N ILE B 162 -21.01 3.33 4.81
CA ILE B 162 -21.18 3.56 6.24
C ILE B 162 -22.17 4.68 6.49
N GLY B 163 -23.23 4.39 7.23
CA GLY B 163 -24.18 5.40 7.64
C GLY B 163 -23.60 6.23 8.77
N THR B 164 -23.47 7.53 8.53
CA THR B 164 -22.79 8.41 9.47
C THR B 164 -23.62 8.72 10.73
N SER B 165 -24.83 8.16 10.79
CA SER B 165 -25.67 8.33 11.97
C SER B 165 -25.11 7.56 13.16
N ILE B 166 -24.15 6.68 12.88
CA ILE B 166 -23.50 5.91 13.94
C ILE B 166 -22.58 6.79 14.77
N TRP B 167 -22.30 8.00 14.27
CA TRP B 167 -21.52 8.96 15.05
C TRP B 167 -22.46 9.92 15.79
N ARG B 168 -23.71 9.49 15.93
CA ARG B 168 -24.67 10.20 16.78
C ARG B 168 -24.92 9.34 18.02
N GLU B 169 -24.78 9.96 19.20
CA GLU B 169 -24.91 9.23 20.46
C GLU B 169 -26.29 8.61 20.61
N PRO B 170 -26.36 7.35 21.10
CA PRO B 170 -25.26 6.52 21.59
C PRO B 170 -24.35 5.97 20.48
N ILE B 171 -23.10 6.40 20.50
CA ILE B 171 -22.11 5.94 19.54
C ILE B 171 -21.60 4.55 19.89
N PRO B 172 -21.65 3.62 18.92
CA PRO B 172 -21.19 2.24 19.08
C PRO B 172 -19.78 2.14 19.68
N LEU B 173 -19.57 1.13 20.51
CA LEU B 173 -18.33 0.98 21.25
C LEU B 173 -17.11 0.80 20.36
N GLU B 174 -17.30 0.17 19.20
CA GLU B 174 -16.18 -0.17 18.33
C GLU B 174 -15.60 1.01 17.57
N ILE B 175 -16.29 2.15 17.59
CA ILE B 175 -15.79 3.36 16.95
C ILE B 175 -15.91 4.56 17.87
N ARG B 176 -16.15 4.29 19.15
CA ARG B 176 -16.44 5.34 20.12
C ARG B 176 -15.26 6.27 20.36
N ASP B 177 -14.05 5.73 20.29
CA ASP B 177 -12.84 6.53 20.53
C ASP B 177 -12.32 7.14 19.22
N LEU B 178 -13.00 6.87 18.12
CA LEU B 178 -12.57 7.34 16.81
C LEU B 178 -13.38 8.53 16.33
N PRO B 179 -12.71 9.49 15.68
CA PRO B 179 -13.41 10.66 15.11
C PRO B 179 -14.24 10.27 13.90
N GLU B 180 -15.29 11.03 13.60
CA GLU B 180 -16.17 10.72 12.49
C GLU B 180 -15.41 10.68 11.16
N LEU B 181 -15.62 9.60 10.41
CA LEU B 181 -14.96 9.42 9.12
C LEU B 181 -15.67 10.21 8.03
N THR B 182 -15.00 11.24 7.52
CA THR B 182 -15.53 12.05 6.43
C THR B 182 -14.62 11.90 5.22
N PRO B 183 -15.07 12.39 4.04
CA PRO B 183 -14.16 12.38 2.89
C PRO B 183 -12.82 13.07 3.17
N GLU B 184 -12.83 14.14 3.94
CA GLU B 184 -11.60 14.87 4.26
C GLU B 184 -10.72 14.10 5.23
N THR B 185 -11.35 13.40 6.18
CA THR B 185 -10.60 12.66 7.20
C THR B 185 -9.98 11.39 6.62
N VAL B 186 -10.60 10.82 5.60
CA VAL B 186 -10.11 9.61 4.96
C VAL B 186 -8.66 9.80 4.50
N VAL B 187 -8.38 10.98 3.96
CA VAL B 187 -7.01 11.31 3.56
C VAL B 187 -6.16 11.69 4.76
N SER B 188 -6.70 12.55 5.62
CA SER B 188 -5.93 13.12 6.72
C SER B 188 -5.61 12.12 7.83
N THR B 189 -6.51 11.17 8.09
CA THR B 189 -6.26 10.17 9.11
C THR B 189 -5.25 9.14 8.63
N GLY B 190 -4.99 9.12 7.32
CA GLY B 190 -4.02 8.22 6.74
C GLY B 190 -4.63 6.90 6.31
N LEU B 191 -5.93 6.91 6.06
CA LEU B 191 -6.64 5.69 5.67
C LEU B 191 -6.30 5.30 4.24
N THR B 192 -6.17 6.29 3.35
CA THR B 192 -5.82 6.04 1.97
C THR B 192 -4.44 5.41 1.85
N ASP B 193 -3.53 5.83 2.72
CA ASP B 193 -2.18 5.26 2.75
C ASP B 193 -2.22 3.78 3.10
N ARG B 194 -3.00 3.44 4.11
CA ARG B 194 -3.13 2.06 4.57
C ARG B 194 -3.79 1.19 3.49
N LEU B 195 -4.74 1.78 2.78
CA LEU B 195 -5.40 1.08 1.68
C LEU B 195 -4.43 0.90 0.51
N ALA B 196 -3.69 1.95 0.20
CA ALA B 196 -2.71 1.91 -0.88
C ALA B 196 -1.61 0.89 -0.61
N ALA B 197 -1.20 0.80 0.66
CA ALA B 197 -0.13 -0.10 1.04
C ALA B 197 -0.55 -1.56 0.99
N LEU B 198 -1.85 -1.81 0.98
CA LEU B 198 -2.36 -3.18 1.00
C LEU B 198 -3.11 -3.55 -0.27
N GLY B 199 -2.90 -2.78 -1.34
CA GLY B 199 -3.41 -3.14 -2.64
C GLY B 199 -4.71 -2.46 -3.05
N TRP B 200 -5.13 -1.46 -2.30
CA TRP B 200 -6.37 -0.74 -2.61
C TRP B 200 -6.10 0.71 -3.00
N GLN B 201 -6.40 1.05 -4.25
CA GLN B 201 -6.29 2.43 -4.70
C GLN B 201 -7.66 3.12 -4.63
N VAL B 202 -7.78 4.08 -3.72
CA VAL B 202 -9.03 4.81 -3.55
C VAL B 202 -9.39 5.56 -4.83
N ALA B 203 -10.62 5.34 -5.31
CA ALA B 203 -11.06 5.93 -6.56
C ALA B 203 -12.00 7.12 -6.32
N ASP B 204 -12.84 7.00 -5.30
CA ASP B 204 -13.85 8.01 -5.03
C ASP B 204 -14.33 7.95 -3.59
N VAL B 205 -14.51 9.11 -2.98
CA VAL B 205 -15.14 9.21 -1.66
C VAL B 205 -16.18 10.32 -1.68
N ARG B 206 -17.40 10.00 -1.27
CA ARG B 206 -18.49 10.96 -1.32
C ARG B 206 -19.54 10.70 -0.25
N LEU B 207 -20.15 11.77 0.24
CA LEU B 207 -21.31 11.66 1.12
C LEU B 207 -22.57 11.61 0.26
N VAL B 208 -23.41 10.62 0.52
CA VAL B 208 -24.69 10.51 -0.18
C VAL B 208 -25.82 10.82 0.78
N PRO B 209 -26.29 12.07 0.78
CA PRO B 209 -27.29 12.54 1.74
C PRO B 209 -28.70 12.03 1.46
N HIS B 210 -29.55 12.13 2.48
CA HIS B 210 -30.97 11.74 2.42
C HIS B 210 -31.26 10.46 1.63
N THR B 211 -30.53 9.40 1.96
CA THR B 211 -30.77 8.09 1.38
C THR B 211 -31.39 7.15 2.40
N ALA B 228 -36.44 6.44 6.96
CA ALA B 228 -35.37 6.72 7.90
C ALA B 228 -34.19 7.39 7.20
N THR B 229 -34.31 8.68 6.95
CA THR B 229 -33.30 9.43 6.20
C THR B 229 -32.01 9.64 6.99
N GLU B 230 -30.88 9.39 6.34
CA GLU B 230 -29.57 9.65 6.92
C GLU B 230 -28.50 9.69 5.82
N THR B 231 -27.41 10.39 6.10
CA THR B 231 -26.29 10.47 5.17
C THR B 231 -25.47 9.19 5.22
N VAL B 232 -24.90 8.80 4.08
CA VAL B 232 -24.08 7.60 4.03
C VAL B 232 -22.75 7.87 3.33
N LEU B 233 -21.67 7.55 4.02
CA LEU B 233 -20.33 7.67 3.45
C LEU B 233 -20.01 6.51 2.51
N HIS B 234 -19.76 6.83 1.24
CA HIS B 234 -19.40 5.81 0.27
C HIS B 234 -17.94 5.93 -0.16
N LEU B 235 -17.19 4.85 0.02
CA LEU B 235 -15.81 4.79 -0.43
C LEU B 235 -15.67 3.73 -1.51
N ARG B 236 -15.05 4.11 -2.62
CA ARG B 236 -14.78 3.17 -3.70
C ARG B 236 -13.28 3.06 -3.95
N ALA B 237 -12.78 1.83 -3.95
CA ALA B 237 -11.38 1.58 -4.23
C ALA B 237 -11.24 0.50 -5.29
N VAL B 238 -10.06 0.41 -5.89
CA VAL B 238 -9.80 -0.60 -6.92
C VAL B 238 -8.66 -1.52 -6.47
N ALA B 239 -8.85 -2.83 -6.67
CA ALA B 239 -7.80 -3.79 -6.38
C ALA B 239 -6.57 -3.51 -7.24
N VAL B 240 -5.43 -3.25 -6.60
CA VAL B 240 -4.21 -2.97 -7.32
C VAL B 240 -3.40 -4.25 -7.56
N ASP B 241 -2.99 -4.44 -8.81
CA ASP B 241 -2.37 -5.68 -9.29
C ASP B 241 -0.84 -5.56 -9.18
N PRO B 242 -0.20 -6.49 -8.45
CA PRO B 242 1.26 -6.53 -8.23
C PRO B 242 2.05 -6.98 -9.47
N ARG B 243 1.52 -6.68 -10.65
CA ARG B 243 2.12 -7.09 -11.91
C ARG B 243 2.43 -5.85 -12.74
N ASP B 244 1.68 -4.78 -12.47
CA ASP B 244 1.79 -3.54 -13.23
C ASP B 244 2.30 -2.39 -12.36
#